data_5DUO
#
_entry.id   5DUO
#
_cell.length_a   58.388
_cell.length_b   99.191
_cell.length_c   95.326
_cell.angle_alpha   90.000
_cell.angle_beta   100.050
_cell.angle_gamma   90.000
#
_symmetry.space_group_name_H-M   'C 1 2 1'
#
loop_
_entity.id
_entity.type
_entity.pdbx_description
1 polymer 'Tryptophan-rich sensory protein'
2 non-polymer '(2R)-2,3-dihydroxypropyl (9Z)-octadec-9-enoate'
3 non-polymer 'FORMIC ACID'
4 non-polymer 'PROTOPORPHYRIN IX'
5 water water
#
_entity_poly.entity_id   1
_entity_poly.type   'polypeptide(L)'
_entity_poly.pdbx_seq_one_letter_code
;MNMDWALFLTFLAACGAPATTGALLKPDEWYDNLNKPWWNPPRWVFPLAWTSLYFLMSLAAMRVAQLEGSGQALAFYAAQ
LAFNTLWTPVFFGMKRMATALAVVMVMWLFVAATMWAFFQLDTWAGVLFVPYLIWATATTGLNFEAMRLNWNRPEAR
;
_entity_poly.pdbx_strand_id   A,B,C
#
loop_
_chem_comp.id
_chem_comp.type
_chem_comp.name
_chem_comp.formula
FMT non-polymer 'FORMIC ACID' 'C H2 O2'
OLC non-polymer '(2R)-2,3-dihydroxypropyl (9Z)-octadec-9-enoate' 'C21 H40 O4'
PP9 non-polymer 'PROTOPORPHYRIN IX' 'C34 H34 N4 O4'
#
# COMPACT_ATOMS: atom_id res chain seq x y z
N MET A 1 18.87 -16.07 4.08
CA MET A 1 18.01 -15.09 3.38
C MET A 1 16.92 -15.82 2.59
N ASN A 2 15.66 -15.51 2.87
CA ASN A 2 14.55 -16.23 2.25
C ASN A 2 13.49 -15.28 1.72
N MET A 3 12.67 -15.82 0.84
CA MET A 3 11.34 -15.31 0.63
C MET A 3 10.54 -15.65 1.87
N ASP A 4 10.54 -14.75 2.86
CA ASP A 4 9.78 -14.92 4.10
C ASP A 4 8.41 -14.24 3.92
N TRP A 5 7.35 -15.04 3.85
CA TRP A 5 6.04 -14.52 3.50
C TRP A 5 5.34 -13.79 4.65
N ALA A 6 5.70 -14.08 5.90
CA ALA A 6 5.15 -13.26 6.99
C ALA A 6 5.69 -11.83 6.95
N LEU A 7 6.97 -11.67 6.60
CA LEU A 7 7.51 -10.32 6.49
C LEU A 7 6.94 -9.61 5.28
N PHE A 8 6.96 -10.27 4.11
CA PHE A 8 6.65 -9.60 2.86
C PHE A 8 5.17 -9.22 2.81
N LEU A 9 4.31 -10.06 3.36
CA LEU A 9 2.89 -9.74 3.41
C LEU A 9 2.60 -8.69 4.46
N THR A 10 3.41 -8.62 5.52
CA THR A 10 3.21 -7.54 6.48
C THR A 10 3.60 -6.20 5.85
N PHE A 11 4.76 -6.12 5.19
CA PHE A 11 5.10 -4.85 4.52
C PHE A 11 4.15 -4.53 3.39
N LEU A 12 3.65 -5.56 2.71
CA LEU A 12 2.71 -5.34 1.61
C LEU A 12 1.40 -4.76 2.15
N ALA A 13 0.82 -5.40 3.17
CA ALA A 13 -0.34 -4.86 3.86
C ALA A 13 -0.11 -3.42 4.28
N ALA A 14 1.08 -3.12 4.78
CA ALA A 14 1.41 -1.75 5.19
C ALA A 14 1.24 -0.76 4.04
N CYS A 15 1.74 -1.11 2.85
CA CYS A 15 1.51 -0.31 1.65
C CYS A 15 0.05 -0.21 1.27
N GLY A 16 -0.84 -0.96 1.95
CA GLY A 16 -2.26 -0.74 1.79
C GLY A 16 -2.71 0.61 2.27
N ALA A 17 -1.97 1.22 3.22
CA ALA A 17 -2.36 2.54 3.72
C ALA A 17 -2.19 3.61 2.65
N PRO A 18 -0.98 3.86 2.11
CA PRO A 18 -0.91 4.77 0.95
C PRO A 18 -1.85 4.35 -0.19
N ALA A 19 -2.06 3.04 -0.39
CA ALA A 19 -2.90 2.56 -1.49
C ALA A 19 -4.32 3.12 -1.43
N THR A 20 -4.86 3.26 -0.22
CA THR A 20 -6.20 3.80 -0.05
C THR A 20 -6.28 5.29 -0.39
N THR A 21 -5.23 6.06 -0.04
CA THR A 21 -5.19 7.49 -0.37
C THR A 21 -5.38 7.71 -1.87
N GLY A 22 -4.66 6.93 -2.69
CA GLY A 22 -4.81 7.04 -4.12
C GLY A 22 -6.15 6.56 -4.62
N ALA A 23 -6.65 5.44 -4.07
CA ALA A 23 -7.92 4.91 -4.54
C ALA A 23 -9.06 5.87 -4.27
N LEU A 24 -9.05 6.53 -3.12
CA LEU A 24 -10.11 7.42 -2.66
C LEU A 24 -10.14 8.75 -3.41
N LEU A 25 -9.31 8.92 -4.44
CA LEU A 25 -9.38 10.11 -5.28
C LEU A 25 -10.47 9.94 -6.33
N LYS A 26 -11.19 11.02 -6.59
CA LYS A 26 -12.10 11.09 -7.72
C LYS A 26 -11.40 11.78 -8.88
N PRO A 27 -11.99 11.73 -10.08
CA PRO A 27 -11.64 12.72 -11.10
C PRO A 27 -11.81 14.13 -10.54
N ASP A 28 -10.76 14.95 -10.68
CA ASP A 28 -10.71 16.26 -10.03
C ASP A 28 -10.44 17.33 -11.06
N GLU A 29 -11.42 18.22 -11.28
CA GLU A 29 -11.27 19.29 -12.26
C GLU A 29 -10.22 20.31 -11.83
N TRP A 30 -10.07 20.55 -10.53
CA TRP A 30 -8.95 21.36 -10.03
C TRP A 30 -7.61 20.83 -10.55
N TYR A 31 -7.38 19.52 -10.42
CA TYR A 31 -6.14 18.94 -10.96
C TYR A 31 -6.15 18.90 -12.48
N ASP A 32 -7.31 18.68 -13.09
CA ASP A 32 -7.42 18.72 -14.55
C ASP A 32 -7.04 20.09 -15.11
N ASN A 33 -7.42 21.18 -14.41
CA ASN A 33 -7.09 22.51 -14.90
C ASN A 33 -5.64 22.95 -14.64
N LEU A 34 -4.87 22.24 -13.81
CA LEU A 34 -3.50 22.66 -13.54
C LEU A 34 -2.65 22.61 -14.81
N ASN A 35 -1.79 23.61 -14.97
CA ASN A 35 -0.76 23.52 -16.00
C ASN A 35 0.30 22.52 -15.54
N LYS A 36 0.85 21.77 -16.49
CA LYS A 36 1.67 20.62 -16.15
C LYS A 36 2.87 20.54 -17.09
N PRO A 37 4.01 20.06 -16.59
CA PRO A 37 5.16 19.89 -17.48
C PRO A 37 4.86 18.88 -18.58
N TRP A 38 5.57 19.02 -19.71
CA TRP A 38 5.35 18.14 -20.86
C TRP A 38 5.61 16.68 -20.51
N TRP A 39 6.44 16.41 -19.49
CA TRP A 39 6.81 15.05 -19.14
C TRP A 39 5.86 14.44 -18.12
N ASN A 40 4.82 15.16 -17.72
CA ASN A 40 3.83 14.62 -16.78
C ASN A 40 3.11 13.43 -17.40
N PRO A 41 3.17 12.25 -16.80
CA PRO A 41 2.47 11.07 -17.36
C PRO A 41 0.96 11.22 -17.28
N PRO A 42 0.20 10.44 -18.04
CA PRO A 42 -1.25 10.40 -17.83
C PRO A 42 -1.58 9.76 -16.49
N ARG A 43 -2.78 10.07 -15.98
CA ARG A 43 -3.11 9.72 -14.60
C ARG A 43 -3.15 8.21 -14.38
N TRP A 44 -3.43 7.42 -15.44
CA TRP A 44 -3.50 5.97 -15.32
C TRP A 44 -2.13 5.35 -15.05
N VAL A 45 -1.03 6.05 -15.34
CA VAL A 45 0.30 5.52 -15.10
C VAL A 45 0.60 5.40 -13.61
N PHE A 46 0.07 6.30 -12.80
CA PHE A 46 0.46 6.43 -11.41
C PHE A 46 0.05 5.24 -10.53
N PRO A 47 -1.18 4.71 -10.63
CA PRO A 47 -1.50 3.51 -9.84
C PRO A 47 -0.62 2.32 -10.17
N LEU A 48 -0.20 2.15 -11.44
CA LEU A 48 0.60 1.00 -11.82
C LEU A 48 2.07 1.16 -11.39
N ALA A 49 2.59 2.40 -11.44
CA ALA A 49 3.92 2.64 -10.93
C ALA A 49 3.95 2.52 -9.41
N TRP A 50 2.97 3.13 -8.74
CA TRP A 50 2.94 2.99 -7.29
C TRP A 50 2.77 1.54 -6.87
N THR A 51 1.89 0.78 -7.55
CA THR A 51 1.69 -0.62 -7.18
C THR A 51 3.01 -1.38 -7.29
N SER A 52 3.72 -1.20 -8.42
CA SER A 52 5.00 -1.89 -8.63
C SER A 52 5.97 -1.60 -7.49
N LEU A 53 6.03 -0.34 -7.07
CA LEU A 53 6.96 0.11 -6.05
C LEU A 53 6.54 -0.39 -4.67
N TYR A 54 5.25 -0.61 -4.45
CA TYR A 54 4.81 -1.20 -3.19
C TYR A 54 5.36 -2.60 -3.05
N PHE A 55 5.41 -3.34 -4.17
CA PHE A 55 5.96 -4.68 -4.15
C PHE A 55 7.47 -4.65 -4.04
N LEU A 56 8.12 -3.68 -4.69
CA LEU A 56 9.58 -3.64 -4.66
C LEU A 56 10.08 -3.22 -3.29
N MET A 57 9.38 -2.26 -2.65
CA MET A 57 9.84 -1.81 -1.35
C MET A 57 9.52 -2.80 -0.24
N SER A 58 8.43 -3.58 -0.40
CA SER A 58 8.08 -4.61 0.55
C SER A 58 9.02 -5.81 0.43
N LEU A 59 9.45 -6.13 -0.79
CA LEU A 59 10.45 -7.17 -1.01
C LEU A 59 11.82 -6.76 -0.48
N ALA A 60 12.16 -5.46 -0.60
CA ALA A 60 13.42 -4.95 -0.08
C ALA A 60 13.42 -4.96 1.45
N ALA A 61 12.40 -4.39 2.08
CA ALA A 61 12.30 -4.45 3.54
C ALA A 61 12.28 -5.89 4.03
N MET A 62 11.68 -6.82 3.26
CA MET A 62 11.59 -8.20 3.69
C MET A 62 12.98 -8.83 3.85
N ARG A 63 13.88 -8.55 2.90
CA ARG A 63 15.25 -9.07 2.98
C ARG A 63 15.98 -8.46 4.16
N VAL A 64 16.04 -7.11 4.19
CA VAL A 64 16.69 -6.35 5.26
C VAL A 64 16.24 -6.81 6.63
N ALA A 65 14.96 -7.15 6.78
CA ALA A 65 14.46 -7.48 8.11
C ALA A 65 14.90 -8.87 8.56
N GLN A 66 15.59 -9.62 7.71
CA GLN A 66 16.16 -10.90 8.13
C GLN A 66 17.62 -10.76 8.55
N LEU A 67 18.14 -9.54 8.56
CA LEU A 67 19.56 -9.28 8.77
C LEU A 67 19.78 -8.57 10.11
N GLU A 68 20.98 -8.79 10.65
CA GLU A 68 21.37 -8.23 11.93
C GLU A 68 21.67 -6.73 11.81
N GLY A 69 21.38 -5.99 12.87
CA GLY A 69 21.61 -4.56 12.86
C GLY A 69 20.73 -3.78 11.89
N SER A 70 19.54 -4.29 11.57
CA SER A 70 18.67 -3.63 10.60
C SER A 70 17.76 -2.56 11.21
N GLY A 71 17.85 -2.31 12.51
CA GLY A 71 16.88 -1.40 13.15
C GLY A 71 16.85 -0.01 12.53
N GLN A 72 18.00 0.63 12.41
CA GLN A 72 18.03 1.97 11.82
C GLN A 72 17.44 1.95 10.41
N ALA A 73 17.74 0.91 9.63
CA ALA A 73 17.18 0.79 8.29
C ALA A 73 15.66 0.74 8.32
N LEU A 74 15.08 -0.05 9.24
CA LEU A 74 13.63 -0.18 9.34
C LEU A 74 12.98 1.00 10.05
N ALA A 75 13.75 1.80 10.79
CA ALA A 75 13.25 3.09 11.26
C ALA A 75 13.13 4.06 10.10
N PHE A 76 14.13 4.08 9.22
CA PHE A 76 14.05 4.90 8.02
C PHE A 76 12.89 4.46 7.17
N TYR A 77 12.68 3.14 7.07
CA TYR A 77 11.60 2.58 6.27
C TYR A 77 10.23 2.98 6.82
N ALA A 78 10.05 2.94 8.14
CA ALA A 78 8.78 3.33 8.73
C ALA A 78 8.48 4.80 8.43
N ALA A 79 9.51 5.64 8.50
CA ALA A 79 9.37 7.08 8.25
C ALA A 79 9.07 7.38 6.80
N GLN A 80 9.77 6.69 5.89
CA GLN A 80 9.52 6.77 4.46
C GLN A 80 8.03 6.49 4.14
N LEU A 81 7.54 5.32 4.58
CA LEU A 81 6.17 4.92 4.29
C LEU A 81 5.15 5.93 4.85
N ALA A 82 5.44 6.49 6.02
CA ALA A 82 4.48 7.38 6.69
C ALA A 82 4.35 8.72 5.99
N PHE A 83 5.46 9.30 5.51
CA PHE A 83 5.36 10.56 4.78
C PHE A 83 4.84 10.35 3.37
N ASN A 84 5.08 9.15 2.82
CA ASN A 84 4.47 8.73 1.56
C ASN A 84 2.95 8.62 1.68
N THR A 85 2.45 8.12 2.82
CA THR A 85 1.02 8.04 3.06
C THR A 85 0.39 9.42 3.23
N LEU A 86 1.17 10.39 3.70
CA LEU A 86 0.67 11.72 4.02
C LEU A 86 0.59 12.65 2.81
N TRP A 87 1.41 12.42 1.79
CA TRP A 87 1.50 13.32 0.66
C TRP A 87 0.17 13.40 -0.11
N THR A 88 -0.34 12.28 -0.59
CA THR A 88 -1.52 12.32 -1.46
C THR A 88 -2.68 13.10 -0.86
N PRO A 89 -3.15 12.80 0.37
CA PRO A 89 -4.17 13.66 1.00
C PRO A 89 -3.79 15.15 1.01
N VAL A 90 -2.54 15.50 1.33
CA VAL A 90 -2.20 16.91 1.42
C VAL A 90 -2.28 17.58 0.06
N PHE A 91 -1.81 16.90 -0.99
CA PHE A 91 -1.79 17.53 -2.31
C PHE A 91 -3.17 17.53 -2.97
N PHE A 92 -3.78 16.33 -3.10
CA PHE A 92 -5.05 16.21 -3.81
C PHE A 92 -6.24 16.54 -2.93
N GLY A 93 -6.20 16.12 -1.67
CA GLY A 93 -7.33 16.35 -0.78
C GLY A 93 -7.38 17.79 -0.37
N MET A 94 -6.41 18.24 0.42
CA MET A 94 -6.42 19.60 0.94
C MET A 94 -6.00 20.64 -0.10
N LYS A 95 -5.41 20.21 -1.22
CA LYS A 95 -5.01 21.10 -2.31
C LYS A 95 -3.91 22.09 -1.89
N ARG A 96 -3.14 21.74 -0.85
CA ARG A 96 -2.08 22.59 -0.32
C ARG A 96 -0.77 22.19 -1.00
N MET A 97 -0.47 22.85 -2.13
CA MET A 97 0.68 22.45 -2.93
C MET A 97 2.01 22.76 -2.22
N ALA A 98 2.07 23.89 -1.51
CA ALA A 98 3.32 24.22 -0.81
C ALA A 98 3.58 23.21 0.30
N THR A 99 2.57 22.95 1.14
CA THR A 99 2.78 22.01 2.22
C THR A 99 3.06 20.60 1.69
N ALA A 100 2.39 20.21 0.61
CA ALA A 100 2.68 18.89 0.04
C ALA A 100 4.11 18.82 -0.48
N LEU A 101 4.65 19.96 -0.92
CA LEU A 101 6.02 19.98 -1.42
C LEU A 101 7.02 19.78 -0.30
N ALA A 102 6.77 20.38 0.87
CA ALA A 102 7.57 20.09 2.04
C ALA A 102 7.49 18.61 2.39
N VAL A 103 6.30 18.02 2.25
CA VAL A 103 6.07 16.63 2.64
C VAL A 103 6.82 15.70 1.70
N VAL A 104 6.71 15.92 0.40
CA VAL A 104 7.32 14.98 -0.52
C VAL A 104 8.83 15.09 -0.48
N MET A 105 9.37 16.21 0.02
CA MET A 105 10.81 16.33 0.22
C MET A 105 11.28 15.57 1.48
N VAL A 106 10.55 15.72 2.59
CA VAL A 106 10.82 14.87 3.75
C VAL A 106 10.71 13.39 3.38
N MET A 107 9.75 13.05 2.51
CA MET A 107 9.66 11.69 2.00
C MET A 107 10.91 11.31 1.22
N TRP A 108 11.26 12.13 0.22
CA TRP A 108 12.44 11.85 -0.61
C TRP A 108 13.67 11.59 0.25
N LEU A 109 13.90 12.44 1.26
CA LEU A 109 15.05 12.28 2.14
C LEU A 109 15.00 10.95 2.90
N PHE A 110 13.81 10.52 3.34
CA PHE A 110 13.75 9.24 4.04
C PHE A 110 13.82 8.07 3.08
N VAL A 111 13.42 8.25 1.82
CA VAL A 111 13.60 7.20 0.82
C VAL A 111 15.08 7.01 0.52
N ALA A 112 15.79 8.13 0.30
CA ALA A 112 17.24 8.08 0.09
C ALA A 112 17.95 7.46 1.29
N ALA A 113 17.48 7.76 2.51
CA ALA A 113 18.14 7.28 3.71
C ALA A 113 17.95 5.78 3.87
N THR A 114 16.74 5.30 3.61
CA THR A 114 16.43 3.89 3.65
C THR A 114 17.31 3.13 2.66
N MET A 115 17.24 3.54 1.38
CA MET A 115 18.05 2.97 0.32
C MET A 115 19.52 2.87 0.75
N TRP A 116 20.03 3.92 1.39
CA TRP A 116 21.42 3.93 1.81
C TRP A 116 21.67 2.90 2.91
N ALA A 117 20.86 2.96 3.97
CA ALA A 117 20.96 1.97 5.03
C ALA A 117 20.78 0.55 4.47
N PHE A 118 19.80 0.37 3.57
CA PHE A 118 19.59 -0.91 2.93
C PHE A 118 20.84 -1.37 2.18
N PHE A 119 21.54 -0.43 1.55
CA PHE A 119 22.76 -0.79 0.82
C PHE A 119 23.87 -1.23 1.76
N GLN A 120 23.91 -0.70 2.99
CA GLN A 120 24.94 -1.11 3.92
C GLN A 120 24.70 -2.53 4.42
N LEU A 121 23.47 -3.04 4.31
CA LEU A 121 23.17 -4.39 4.76
C LEU A 121 22.97 -5.39 3.62
N ASP A 122 22.55 -4.93 2.45
CA ASP A 122 22.14 -5.85 1.40
C ASP A 122 22.04 -5.08 0.10
N THR A 123 22.89 -5.45 -0.87
CA THR A 123 22.92 -4.72 -2.13
C THR A 123 21.60 -4.84 -2.89
N TRP A 124 20.98 -6.02 -2.89
CA TRP A 124 19.73 -6.18 -3.63
C TRP A 124 18.58 -5.36 -3.03
N ALA A 125 18.47 -5.33 -1.70
CA ALA A 125 17.47 -4.47 -1.06
C ALA A 125 17.72 -3.00 -1.40
N GLY A 126 18.98 -2.56 -1.34
CA GLY A 126 19.33 -1.24 -1.83
C GLY A 126 18.95 -1.05 -3.29
N VAL A 127 19.36 -1.98 -4.15
CA VAL A 127 19.05 -1.86 -5.58
C VAL A 127 17.53 -1.84 -5.82
N LEU A 128 16.77 -2.58 -5.02
CA LEU A 128 15.33 -2.61 -5.22
C LEU A 128 14.69 -1.24 -4.95
N PHE A 129 15.34 -0.42 -4.11
CA PHE A 129 14.83 0.90 -3.77
C PHE A 129 15.19 1.96 -4.80
N VAL A 130 16.16 1.68 -5.68
CA VAL A 130 16.61 2.71 -6.64
C VAL A 130 15.47 3.25 -7.50
N PRO A 131 14.62 2.41 -8.13
CA PRO A 131 13.50 2.98 -8.91
C PRO A 131 12.46 3.70 -8.04
N TYR A 132 12.36 3.35 -6.76
CA TYR A 132 11.57 4.15 -5.83
C TYR A 132 12.14 5.57 -5.71
N LEU A 133 13.44 5.68 -5.41
CA LEU A 133 14.06 7.00 -5.28
C LEU A 133 13.93 7.82 -6.54
N ILE A 134 14.11 7.19 -7.71
CA ILE A 134 13.91 7.90 -8.98
C ILE A 134 12.47 8.39 -9.09
N TRP A 135 11.51 7.51 -8.84
CA TRP A 135 10.10 7.91 -8.90
C TRP A 135 9.79 9.03 -7.90
N ALA A 136 10.43 8.99 -6.72
CA ALA A 136 10.25 10.04 -5.73
C ALA A 136 10.82 11.36 -6.20
N THR A 137 11.97 11.34 -6.88
CA THR A 137 12.54 12.54 -7.45
C THR A 137 11.60 13.18 -8.48
N ALA A 138 11.09 12.36 -9.41
CA ALA A 138 10.10 12.85 -10.38
C ALA A 138 8.86 13.39 -9.69
N THR A 139 8.36 12.67 -8.68
CA THR A 139 7.21 13.17 -7.92
C THR A 139 7.49 14.52 -7.29
N THR A 140 8.68 14.70 -6.71
CA THR A 140 9.08 16.02 -6.22
C THR A 140 9.05 17.05 -7.35
N GLY A 141 9.65 16.72 -8.50
CA GLY A 141 9.63 17.66 -9.61
C GLY A 141 8.23 18.02 -10.08
N LEU A 142 7.31 17.05 -10.06
CA LEU A 142 5.93 17.29 -10.49
C LEU A 142 5.20 18.23 -9.53
N ASN A 143 5.29 17.95 -8.24
CA ASN A 143 4.75 18.85 -7.22
C ASN A 143 5.38 20.22 -7.32
N PHE A 144 6.70 20.28 -7.53
CA PHE A 144 7.35 21.57 -7.64
C PHE A 144 6.86 22.34 -8.86
N GLU A 145 6.66 21.65 -9.99
CA GLU A 145 6.25 22.33 -11.21
C GLU A 145 4.77 22.69 -11.17
N ALA A 146 3.94 21.85 -10.56
CA ALA A 146 2.55 22.24 -10.38
C ALA A 146 2.46 23.58 -9.67
N MET A 147 3.41 23.85 -8.77
CA MET A 147 3.37 25.09 -8.02
C MET A 147 4.00 26.23 -8.79
N ARG A 148 5.01 25.94 -9.60
CA ARG A 148 5.63 26.96 -10.43
C ARG A 148 4.67 27.48 -11.50
N LEU A 149 3.89 26.59 -12.12
CA LEU A 149 3.14 26.90 -13.33
C LEU A 149 1.68 27.26 -13.08
N ASN A 150 1.26 27.48 -11.83
CA ASN A 150 -0.16 27.64 -11.54
C ASN A 150 -0.39 28.68 -10.45
N TRP A 151 -1.64 29.09 -10.33
CA TRP A 151 -2.12 29.96 -9.25
C TRP A 151 -2.31 29.16 -7.98
N ASN A 152 -1.78 29.66 -6.87
CA ASN A 152 -1.94 29.03 -5.57
C ASN A 152 -2.60 30.03 -4.62
N ARG A 153 -3.69 29.61 -4.00
CA ARG A 153 -4.30 30.45 -2.98
C ARG A 153 -3.57 30.23 -1.65
N PRO A 154 -3.75 31.14 -0.69
CA PRO A 154 -3.14 30.94 0.63
C PRO A 154 -3.81 29.80 1.38
N GLU A 155 -3.01 29.06 2.15
CA GLU A 155 -3.52 27.90 2.88
C GLU A 155 -3.98 28.32 4.27
N ALA A 156 -4.91 27.54 4.83
CA ALA A 156 -5.33 27.75 6.21
C ALA A 156 -4.13 27.70 7.16
N ARG A 157 -3.90 28.79 7.88
CA ARG A 157 -2.75 28.92 8.78
C ARG A 157 -2.72 27.85 9.88
N MET B 1 20.56 -3.50 25.14
CA MET B 1 19.49 -2.52 25.36
C MET B 1 20.04 -1.19 25.89
N ASN B 2 19.82 -0.11 25.14
CA ASN B 2 20.36 1.21 25.47
C ASN B 2 19.31 2.29 25.22
N MET B 3 19.73 3.53 25.42
CA MET B 3 19.01 4.69 24.88
C MET B 3 19.72 5.08 23.58
N ASP B 4 19.17 4.64 22.46
CA ASP B 4 19.75 4.92 21.15
C ASP B 4 19.05 6.15 20.58
N TRP B 5 19.76 7.30 20.62
CA TRP B 5 19.15 8.57 20.26
C TRP B 5 18.89 8.69 18.76
N ALA B 6 19.71 8.04 17.93
CA ALA B 6 19.45 8.05 16.49
C ALA B 6 18.21 7.24 16.15
N LEU B 7 18.10 6.03 16.71
CA LEU B 7 16.89 5.23 16.54
C LEU B 7 15.65 5.98 17.02
N PHE B 8 15.72 6.51 18.24
CA PHE B 8 14.55 7.15 18.82
C PHE B 8 14.12 8.37 18.01
N LEU B 9 15.06 9.26 17.68
CA LEU B 9 14.72 10.46 16.93
C LEU B 9 14.23 10.14 15.52
N THR B 10 14.65 9.01 14.95
CA THR B 10 14.07 8.58 13.67
C THR B 10 12.61 8.17 13.85
N PHE B 11 12.30 7.38 14.88
CA PHE B 11 10.91 6.98 15.07
C PHE B 11 10.05 8.17 15.44
N LEU B 12 10.60 9.08 16.24
CA LEU B 12 9.85 10.27 16.60
C LEU B 12 9.56 11.12 15.36
N ALA B 13 10.55 11.26 14.48
CA ALA B 13 10.39 12.05 13.26
C ALA B 13 9.34 11.43 12.34
N ALA B 14 9.31 10.08 12.23
CA ALA B 14 8.26 9.41 11.48
C ALA B 14 6.88 9.73 12.04
N CYS B 15 6.78 9.88 13.36
CA CYS B 15 5.53 10.34 13.95
C CYS B 15 5.17 11.76 13.52
N GLY B 16 6.08 12.48 12.87
CA GLY B 16 5.74 13.78 12.33
C GLY B 16 4.77 13.72 11.17
N ALA B 17 4.75 12.59 10.44
CA ALA B 17 3.76 12.46 9.37
C ALA B 17 2.35 12.43 9.94
N PRO B 18 1.99 11.53 10.88
CA PRO B 18 0.64 11.64 11.47
C PRO B 18 0.42 12.94 12.22
N ALA B 19 1.38 13.41 13.00
CA ALA B 19 1.20 14.68 13.72
C ALA B 19 0.84 15.83 12.77
N THR B 20 1.31 15.76 11.52
CA THR B 20 0.95 16.76 10.52
C THR B 20 -0.51 16.67 10.12
N THR B 21 -1.10 15.46 10.10
CA THR B 21 -2.49 15.32 9.68
C THR B 21 -3.41 16.12 10.60
N GLY B 22 -3.15 16.07 11.91
CA GLY B 22 -3.96 16.85 12.84
C GLY B 22 -3.73 18.35 12.71
N ALA B 23 -2.46 18.75 12.54
CA ALA B 23 -2.15 20.18 12.43
C ALA B 23 -2.90 20.83 11.28
N LEU B 24 -2.95 20.17 10.13
CA LEU B 24 -3.64 20.74 8.97
C LEU B 24 -5.16 20.57 9.06
N LEU B 25 -5.63 19.54 9.75
CA LEU B 25 -7.06 19.23 9.86
C LEU B 25 -7.45 19.15 11.34
N LYS B 26 -7.38 20.28 12.05
CA LYS B 26 -7.92 20.35 13.40
C LYS B 26 -9.40 20.01 13.38
N PRO B 27 -9.96 19.45 14.47
CA PRO B 27 -11.39 19.07 14.47
C PRO B 27 -12.32 20.18 13.99
N ASP B 28 -13.09 19.84 12.95
CA ASP B 28 -13.81 20.76 12.09
C ASP B 28 -15.10 21.27 12.74
N GLU B 29 -15.62 22.37 12.19
CA GLU B 29 -16.97 22.79 12.57
C GLU B 29 -17.98 21.71 12.22
N TRP B 30 -17.86 21.14 11.02
CA TRP B 30 -18.57 19.92 10.66
C TRP B 30 -18.35 18.81 11.68
N TYR B 31 -17.16 18.74 12.30
CA TYR B 31 -16.94 17.71 13.31
C TYR B 31 -17.67 18.04 14.60
N ASP B 32 -17.71 19.31 14.97
CA ASP B 32 -18.43 19.70 16.19
C ASP B 32 -19.91 19.35 16.11
N ASN B 33 -20.53 19.54 14.93
CA ASN B 33 -21.96 19.34 14.76
C ASN B 33 -22.38 17.87 14.73
N LEU B 34 -21.44 16.94 14.60
CA LEU B 34 -21.83 15.54 14.66
C LEU B 34 -22.39 15.25 16.04
N ASN B 35 -23.43 14.43 16.08
CA ASN B 35 -23.82 13.83 17.35
C ASN B 35 -22.66 12.98 17.85
N LYS B 36 -22.32 13.13 19.14
CA LYS B 36 -21.23 12.36 19.73
C LYS B 36 -21.76 11.40 20.78
N PRO B 37 -21.08 10.27 21.03
CA PRO B 37 -21.47 9.41 22.14
C PRO B 37 -21.29 10.14 23.47
N TRP B 38 -22.07 9.70 24.47
CA TRP B 38 -22.10 10.39 25.76
C TRP B 38 -20.72 10.50 26.39
N TRP B 39 -19.86 9.51 26.16
CA TRP B 39 -18.53 9.44 26.76
C TRP B 39 -17.47 10.12 25.94
N ASN B 40 -17.87 10.87 24.93
CA ASN B 40 -16.93 11.59 24.09
C ASN B 40 -16.09 12.55 24.95
N PRO B 41 -14.77 12.52 24.83
CA PRO B 41 -13.93 13.33 25.71
C PRO B 41 -13.83 14.75 25.18
N PRO B 42 -13.49 15.72 26.04
CA PRO B 42 -13.37 17.09 25.57
C PRO B 42 -12.23 17.19 24.57
N ARG B 43 -12.13 18.36 23.97
CA ARG B 43 -11.37 18.49 22.75
C ARG B 43 -9.86 18.64 23.00
N TRP B 44 -9.48 19.14 24.18
CA TRP B 44 -8.07 19.23 24.54
C TRP B 44 -7.45 17.86 24.79
N VAL B 45 -8.27 16.84 25.02
CA VAL B 45 -7.78 15.51 25.36
C VAL B 45 -7.00 14.91 24.20
N PHE B 46 -7.49 15.08 22.97
CA PHE B 46 -6.92 14.37 21.83
C PHE B 46 -5.51 14.80 21.46
N PRO B 47 -5.19 16.11 21.45
CA PRO B 47 -3.79 16.49 21.21
C PRO B 47 -2.83 15.96 22.26
N LEU B 48 -3.22 15.94 23.53
CA LEU B 48 -2.29 15.42 24.54
C LEU B 48 -2.19 13.90 24.49
N ALA B 49 -3.28 13.20 24.13
CA ALA B 49 -3.21 11.75 23.99
C ALA B 49 -2.29 11.37 22.83
N TRP B 50 -2.50 11.95 21.65
CA TRP B 50 -1.66 11.60 20.50
C TRP B 50 -0.20 12.01 20.70
N THR B 51 0.04 13.16 21.34
CA THR B 51 1.42 13.57 21.51
C THR B 51 2.17 12.63 22.45
N SER B 52 1.54 12.23 23.54
CA SER B 52 2.14 11.24 24.43
C SER B 52 2.41 9.94 23.68
N LEU B 53 1.44 9.46 22.91
CA LEU B 53 1.59 8.19 22.22
C LEU B 53 2.71 8.21 21.20
N TYR B 54 2.99 9.34 20.58
CA TYR B 54 4.10 9.38 19.65
C TYR B 54 5.44 9.21 20.38
N PHE B 55 5.57 9.81 21.57
CA PHE B 55 6.79 9.65 22.33
C PHE B 55 6.90 8.23 22.87
N LEU B 56 5.78 7.67 23.33
CA LEU B 56 5.76 6.32 23.91
C LEU B 56 6.06 5.24 22.86
N MET B 57 5.43 5.34 21.69
CA MET B 57 5.66 4.35 20.64
C MET B 57 7.05 4.47 20.03
N SER B 58 7.59 5.70 19.97
CA SER B 58 8.92 5.90 19.44
C SER B 58 9.95 5.31 20.39
N LEU B 59 9.68 5.42 21.69
CA LEU B 59 10.56 4.87 22.70
C LEU B 59 10.51 3.35 22.67
N ALA B 60 9.31 2.79 22.53
CA ALA B 60 9.14 1.35 22.44
C ALA B 60 9.88 0.81 21.22
N ALA B 61 9.59 1.36 20.04
CA ALA B 61 10.30 0.93 18.84
C ALA B 61 11.81 1.08 18.97
N MET B 62 12.30 2.09 19.69
CA MET B 62 13.74 2.25 19.83
C MET B 62 14.38 1.08 20.60
N ARG B 63 13.77 0.66 21.70
CA ARG B 63 14.24 -0.52 22.43
C ARG B 63 14.24 -1.75 21.54
N VAL B 64 13.10 -2.05 20.91
CA VAL B 64 12.93 -3.23 20.06
C VAL B 64 13.91 -3.26 18.89
N ALA B 65 14.11 -2.12 18.22
CA ALA B 65 14.91 -2.10 17.00
C ALA B 65 16.39 -2.36 17.28
N GLN B 66 16.80 -2.35 18.54
CA GLN B 66 18.16 -2.71 18.90
C GLN B 66 18.35 -4.21 19.03
N LEU B 67 17.26 -4.97 19.09
CA LEU B 67 17.28 -6.38 19.43
C LEU B 67 17.35 -7.24 18.17
N GLU B 68 17.69 -8.50 18.38
CA GLU B 68 17.83 -9.48 17.31
C GLU B 68 16.49 -10.14 17.05
N GLY B 69 16.19 -10.38 15.78
CA GLY B 69 14.90 -10.91 15.38
C GLY B 69 13.74 -9.94 15.55
N SER B 70 14.00 -8.64 15.51
CA SER B 70 12.97 -7.62 15.70
C SER B 70 12.33 -7.20 14.38
N GLY B 71 12.71 -7.83 13.26
CA GLY B 71 12.21 -7.53 11.93
C GLY B 71 10.69 -7.53 11.84
N GLN B 72 10.08 -8.68 12.20
CA GLN B 72 8.62 -8.81 12.14
C GLN B 72 7.93 -7.74 12.99
N ALA B 73 8.45 -7.48 14.20
CA ALA B 73 7.90 -6.44 15.06
C ALA B 73 8.03 -5.06 14.43
N LEU B 74 9.19 -4.79 13.81
CA LEU B 74 9.34 -3.51 13.12
C LEU B 74 8.43 -3.43 11.90
N ALA B 75 8.14 -4.58 11.29
CA ALA B 75 7.25 -4.62 10.13
C ALA B 75 5.83 -4.28 10.55
N PHE B 76 5.39 -4.80 11.69
CA PHE B 76 4.11 -4.42 12.26
C PHE B 76 4.07 -2.94 12.61
N TYR B 77 5.21 -2.40 13.10
CA TYR B 77 5.27 -0.99 13.49
C TYR B 77 5.07 -0.06 12.31
N ALA B 78 5.71 -0.35 11.19
CA ALA B 78 5.49 0.44 9.99
C ALA B 78 4.05 0.33 9.56
N ALA B 79 3.46 -0.86 9.74
CA ALA B 79 2.09 -1.12 9.33
C ALA B 79 1.12 -0.28 10.15
N GLN B 80 1.23 -0.32 11.49
CA GLN B 80 0.31 0.48 12.30
C GLN B 80 0.51 1.97 12.06
N LEU B 81 1.76 2.42 11.92
CA LEU B 81 2.04 3.84 11.78
C LEU B 81 1.43 4.39 10.49
N ALA B 82 1.50 3.60 9.40
CA ALA B 82 0.97 4.05 8.13
C ALA B 82 -0.56 4.16 8.17
N PHE B 83 -1.23 3.10 8.65
CA PHE B 83 -2.68 3.18 8.81
C PHE B 83 -3.09 4.26 9.78
N ASN B 84 -2.25 4.55 10.79
CA ASN B 84 -2.49 5.68 11.68
C ASN B 84 -2.48 6.99 10.90
N THR B 85 -1.42 7.23 10.12
CA THR B 85 -1.33 8.42 9.28
C THR B 85 -2.52 8.54 8.32
N LEU B 86 -3.05 7.41 7.84
CA LEU B 86 -4.12 7.46 6.86
C LEU B 86 -5.46 7.86 7.48
N TRP B 87 -5.62 7.63 8.78
CA TRP B 87 -6.96 7.69 9.36
C TRP B 87 -7.49 9.12 9.39
N THR B 88 -6.71 10.07 9.90
CA THR B 88 -7.22 11.43 10.05
C THR B 88 -7.66 12.06 8.73
N PRO B 89 -6.89 11.99 7.64
CA PRO B 89 -7.41 12.52 6.37
C PRO B 89 -8.67 11.82 5.86
N VAL B 90 -8.90 10.54 6.20
CA VAL B 90 -10.14 9.90 5.74
C VAL B 90 -11.34 10.35 6.56
N PHE B 91 -11.20 10.43 7.89
CA PHE B 91 -12.34 10.80 8.71
C PHE B 91 -12.59 12.31 8.69
N PHE B 92 -11.55 13.11 8.95
CA PHE B 92 -11.70 14.57 9.01
C PHE B 92 -11.58 15.22 7.65
N GLY B 93 -10.60 14.82 6.86
CA GLY B 93 -10.49 15.38 5.54
C GLY B 93 -11.69 15.08 4.66
N MET B 94 -11.72 13.87 4.09
CA MET B 94 -12.76 13.49 3.14
C MET B 94 -14.10 13.21 3.78
N LYS B 95 -14.17 13.16 5.11
CA LYS B 95 -15.41 12.91 5.83
C LYS B 95 -16.08 11.59 5.40
N ARG B 96 -15.30 10.63 4.91
CA ARG B 96 -15.81 9.31 4.52
C ARG B 96 -15.73 8.40 5.75
N MET B 97 -16.77 8.49 6.58
CA MET B 97 -16.73 7.87 7.90
C MET B 97 -16.63 6.34 7.83
N ALA B 98 -17.37 5.71 6.92
CA ALA B 98 -17.37 4.25 6.88
C ALA B 98 -16.01 3.72 6.46
N THR B 99 -15.38 4.37 5.48
CA THR B 99 -14.03 3.96 5.11
C THR B 99 -13.07 4.12 6.29
N ALA B 100 -13.21 5.23 7.01
CA ALA B 100 -12.36 5.52 8.16
C ALA B 100 -12.45 4.42 9.19
N LEU B 101 -13.66 3.87 9.39
CA LEU B 101 -13.83 2.79 10.36
C LEU B 101 -13.01 1.57 9.93
N ALA B 102 -13.09 1.20 8.66
CA ALA B 102 -12.25 0.13 8.15
C ALA B 102 -10.79 0.42 8.44
N VAL B 103 -10.39 1.69 8.24
CA VAL B 103 -8.99 2.08 8.35
C VAL B 103 -8.51 1.95 9.80
N VAL B 104 -9.32 2.46 10.73
CA VAL B 104 -8.94 2.45 12.14
C VAL B 104 -9.03 1.04 12.71
N MET B 105 -9.86 0.17 12.13
CA MET B 105 -9.90 -1.23 12.56
C MET B 105 -8.66 -1.98 12.11
N VAL B 106 -8.25 -1.80 10.85
CA VAL B 106 -6.97 -2.34 10.39
C VAL B 106 -5.82 -1.79 11.23
N MET B 107 -5.86 -0.47 11.51
CA MET B 107 -4.86 0.11 12.41
C MET B 107 -4.86 -0.60 13.76
N TRP B 108 -6.06 -0.86 14.31
CA TRP B 108 -6.12 -1.51 15.62
C TRP B 108 -5.44 -2.88 15.58
N LEU B 109 -5.72 -3.65 14.51
CA LEU B 109 -5.12 -4.97 14.39
C LEU B 109 -3.61 -4.89 14.38
N PHE B 110 -3.05 -3.91 13.67
CA PHE B 110 -1.61 -3.78 13.59
C PHE B 110 -1.01 -3.17 14.85
N VAL B 111 -1.78 -2.42 15.63
CA VAL B 111 -1.27 -1.97 16.93
C VAL B 111 -1.23 -3.15 17.91
N ALA B 112 -2.26 -3.99 17.90
CA ALA B 112 -2.26 -5.19 18.72
C ALA B 112 -1.12 -6.10 18.33
N ALA B 113 -0.86 -6.25 17.02
CA ALA B 113 0.21 -7.12 16.54
C ALA B 113 1.59 -6.60 16.91
N THR B 114 1.81 -5.28 16.77
CA THR B 114 3.07 -4.68 17.22
C THR B 114 3.27 -4.93 18.70
N MET B 115 2.24 -4.62 19.51
CA MET B 115 2.34 -4.82 20.95
C MET B 115 2.73 -6.26 21.27
N TRP B 116 1.96 -7.21 20.74
CA TRP B 116 2.24 -8.62 20.99
C TRP B 116 3.68 -8.97 20.61
N ALA B 117 4.09 -8.55 19.42
CA ALA B 117 5.42 -8.83 18.94
C ALA B 117 6.49 -8.10 19.77
N PHE B 118 6.17 -6.91 20.28
CA PHE B 118 7.08 -6.22 21.19
C PHE B 118 7.24 -6.98 22.50
N PHE B 119 6.15 -7.56 23.03
CA PHE B 119 6.24 -8.32 24.27
C PHE B 119 7.15 -9.56 24.13
N GLN B 120 7.18 -10.17 22.93
CA GLN B 120 8.03 -11.34 22.69
C GLN B 120 9.51 -11.01 22.78
N LEU B 121 9.89 -9.74 22.62
CA LEU B 121 11.30 -9.35 22.63
C LEU B 121 11.68 -8.48 23.81
N ASP B 122 10.82 -7.55 24.22
CA ASP B 122 11.13 -6.62 25.29
C ASP B 122 9.84 -6.27 26.03
N THR B 123 9.79 -6.60 27.33
CA THR B 123 8.57 -6.38 28.09
C THR B 123 8.22 -4.91 28.19
N TRP B 124 9.24 -4.05 28.32
CA TRP B 124 8.98 -2.61 28.46
C TRP B 124 8.38 -2.03 27.19
N ALA B 125 8.86 -2.47 26.03
CA ALA B 125 8.29 -2.01 24.77
C ALA B 125 6.84 -2.43 24.62
N GLY B 126 6.48 -3.61 25.13
CA GLY B 126 5.08 -4.01 25.11
C GLY B 126 4.23 -3.16 26.03
N VAL B 127 4.66 -2.98 27.27
CA VAL B 127 3.94 -2.16 28.24
C VAL B 127 3.61 -0.78 27.68
N LEU B 128 4.54 -0.18 26.93
CA LEU B 128 4.38 1.18 26.43
C LEU B 128 3.41 1.26 25.26
N PHE B 129 3.19 0.16 24.54
CA PHE B 129 2.13 0.13 23.54
C PHE B 129 0.77 -0.16 24.15
N VAL B 130 0.70 -0.52 25.43
CA VAL B 130 -0.58 -0.84 26.06
C VAL B 130 -1.54 0.36 26.03
N PRO B 131 -1.14 1.56 26.46
CA PRO B 131 -2.07 2.70 26.33
C PRO B 131 -2.38 3.05 24.89
N TYR B 132 -1.48 2.75 23.95
CA TYR B 132 -1.79 2.95 22.54
C TYR B 132 -2.93 2.05 22.11
N LEU B 133 -2.84 0.75 22.42
CA LEU B 133 -3.93 -0.15 22.06
C LEU B 133 -5.23 0.28 22.72
N ILE B 134 -5.17 0.66 24.01
CA ILE B 134 -6.34 1.19 24.70
C ILE B 134 -6.90 2.39 23.95
N TRP B 135 -6.03 3.34 23.58
CA TRP B 135 -6.50 4.54 22.90
C TRP B 135 -7.06 4.22 21.52
N ALA B 136 -6.42 3.30 20.80
CA ALA B 136 -6.91 2.90 19.48
C ALA B 136 -8.26 2.20 19.61
N THR B 137 -8.48 1.49 20.72
CA THR B 137 -9.81 0.92 20.95
C THR B 137 -10.83 2.03 21.17
N ALA B 138 -10.43 3.11 21.85
CA ALA B 138 -11.32 4.26 22.04
C ALA B 138 -11.56 4.99 20.72
N THR B 139 -10.52 5.14 19.91
CA THR B 139 -10.68 5.74 18.60
C THR B 139 -11.67 4.95 17.76
N THR B 140 -11.57 3.61 17.80
CA THR B 140 -12.44 2.76 17.01
C THR B 140 -13.88 2.94 17.44
N GLY B 141 -14.13 3.03 18.75
CA GLY B 141 -15.48 3.22 19.23
C GLY B 141 -16.05 4.57 18.82
N LEU B 142 -15.24 5.62 18.91
CA LEU B 142 -15.66 6.94 18.46
C LEU B 142 -16.04 6.92 16.98
N ASN B 143 -15.23 6.23 16.16
CA ASN B 143 -15.53 6.22 14.74
C ASN B 143 -16.83 5.45 14.48
N PHE B 144 -17.03 4.34 15.21
CA PHE B 144 -18.27 3.57 15.10
C PHE B 144 -19.48 4.38 15.55
N GLU B 145 -19.39 5.02 16.72
CA GLU B 145 -20.48 5.85 17.22
C GLU B 145 -20.74 7.07 16.34
N ALA B 146 -19.71 7.58 15.66
CA ALA B 146 -19.96 8.72 14.78
C ALA B 146 -20.89 8.32 13.64
N MET B 147 -20.70 7.11 13.09
CA MET B 147 -21.59 6.59 12.06
C MET B 147 -22.95 6.22 12.65
N ARG B 148 -22.93 5.44 13.74
CA ARG B 148 -24.15 5.00 14.37
C ARG B 148 -25.08 6.17 14.72
N LEU B 149 -24.53 7.27 15.23
CA LEU B 149 -25.34 8.36 15.74
C LEU B 149 -25.58 9.47 14.71
N ASN B 150 -25.10 9.31 13.48
CA ASN B 150 -25.26 10.26 12.40
C ASN B 150 -25.58 9.52 11.11
N TRP B 151 -26.34 8.43 11.21
CA TRP B 151 -26.58 7.57 10.05
C TRP B 151 -27.42 8.25 8.97
N ASN B 152 -28.19 9.29 9.32
CA ASN B 152 -28.95 10.06 8.34
C ASN B 152 -28.09 11.02 7.52
N ARG B 153 -26.75 11.10 7.78
CA ARG B 153 -25.92 11.95 6.93
C ARG B 153 -25.22 11.08 5.89
N PRO B 154 -25.27 11.47 4.61
CA PRO B 154 -24.74 10.58 3.55
C PRO B 154 -23.28 10.21 3.76
N GLU B 155 -22.49 11.09 4.37
CA GLU B 155 -21.07 10.83 4.59
C GLU B 155 -20.83 9.82 5.70
N ALA B 156 -21.87 9.41 6.41
CA ALA B 156 -21.71 8.34 7.40
C ALA B 156 -21.83 6.95 6.79
N ARG B 157 -22.55 6.79 5.68
CA ARG B 157 -22.84 5.46 5.16
C ARG B 157 -21.89 5.01 4.04
N ASN C 2 18.71 -26.66 -17.79
CA ASN C 2 18.19 -27.10 -19.08
C ASN C 2 16.97 -26.27 -19.50
N MET C 3 16.90 -25.92 -20.78
CA MET C 3 15.72 -25.26 -21.35
C MET C 3 14.90 -26.31 -22.08
N ASP C 4 13.68 -26.53 -21.60
CA ASP C 4 12.78 -27.54 -22.17
C ASP C 4 11.80 -26.82 -23.10
N TRP C 5 12.04 -26.95 -24.40
CA TRP C 5 11.18 -26.30 -25.36
C TRP C 5 9.79 -26.93 -25.40
N ALA C 6 9.71 -28.25 -25.20
CA ALA C 6 8.42 -28.93 -25.21
C ALA C 6 7.59 -28.51 -24.01
N LEU C 7 8.20 -28.50 -22.82
CA LEU C 7 7.50 -28.03 -21.62
C LEU C 7 7.04 -26.59 -21.78
N PHE C 8 7.96 -25.69 -22.14
CA PHE C 8 7.64 -24.28 -22.18
C PHE C 8 6.49 -24.02 -23.17
N LEU C 9 6.58 -24.61 -24.36
CA LEU C 9 5.57 -24.38 -25.38
C LEU C 9 4.23 -25.01 -25.01
N THR C 10 4.21 -26.08 -24.19
CA THR C 10 2.92 -26.55 -23.70
C THR C 10 2.29 -25.54 -22.74
N PHE C 11 3.08 -24.99 -21.80
CA PHE C 11 2.58 -23.95 -20.91
C PHE C 11 2.18 -22.69 -21.66
N LEU C 12 2.89 -22.37 -22.75
CA LEU C 12 2.52 -21.21 -23.54
C LEU C 12 1.21 -21.47 -24.28
N ALA C 13 1.07 -22.67 -24.85
CA ALA C 13 -0.20 -23.08 -25.44
C ALA C 13 -1.34 -22.94 -24.45
N ALA C 14 -1.11 -23.32 -23.19
CA ALA C 14 -2.16 -23.21 -22.17
C ALA C 14 -2.64 -21.78 -22.03
N CYS C 15 -1.73 -20.81 -22.19
CA CYS C 15 -2.08 -19.40 -22.19
C CYS C 15 -2.88 -18.97 -23.42
N GLY C 16 -2.93 -19.77 -24.49
CA GLY C 16 -3.82 -19.47 -25.59
C GLY C 16 -5.28 -19.40 -25.19
N ALA C 17 -5.66 -20.07 -24.10
CA ALA C 17 -7.04 -20.00 -23.62
C ALA C 17 -7.41 -18.62 -23.08
N PRO C 18 -6.69 -18.05 -22.09
CA PRO C 18 -7.07 -16.69 -21.65
C PRO C 18 -6.80 -15.64 -22.72
N ALA C 19 -5.73 -15.80 -23.49
CA ALA C 19 -5.50 -14.97 -24.67
C ALA C 19 -6.73 -14.89 -25.57
N THR C 20 -7.46 -16.00 -25.70
CA THR C 20 -8.64 -16.07 -26.57
C THR C 20 -9.70 -15.01 -26.23
N THR C 21 -9.78 -14.58 -24.96
CA THR C 21 -10.78 -13.60 -24.59
C THR C 21 -10.73 -12.37 -25.50
N GLY C 22 -9.53 -11.97 -25.93
CA GLY C 22 -9.37 -10.76 -26.73
C GLY C 22 -10.21 -10.75 -28.00
N ALA C 23 -10.51 -11.93 -28.55
CA ALA C 23 -11.30 -12.04 -29.76
C ALA C 23 -12.80 -12.00 -29.50
N LEU C 24 -13.23 -12.16 -28.25
CA LEU C 24 -14.65 -12.08 -27.91
C LEU C 24 -15.02 -10.73 -27.32
N LEU C 25 -14.14 -9.74 -27.44
CA LEU C 25 -14.37 -8.40 -26.92
C LEU C 25 -14.34 -7.37 -28.04
N LYS C 26 -14.96 -6.24 -27.73
CA LYS C 26 -15.05 -5.04 -28.54
C LYS C 26 -14.59 -3.89 -27.64
N PRO C 27 -14.28 -2.73 -28.21
CA PRO C 27 -14.22 -1.53 -27.38
C PRO C 27 -15.62 -0.98 -27.12
N ASP C 28 -15.69 -0.08 -26.15
CA ASP C 28 -16.95 0.37 -25.58
C ASP C 28 -17.77 1.16 -26.59
N GLU C 29 -18.96 1.55 -26.18
CA GLU C 29 -19.71 2.58 -26.85
C GLU C 29 -19.65 3.84 -26.01
N TRP C 30 -19.72 5.00 -26.69
CA TRP C 30 -19.44 6.27 -26.02
C TRP C 30 -20.30 6.45 -24.78
N TYR C 31 -21.52 5.92 -24.78
CA TYR C 31 -22.46 6.15 -23.69
C TYR C 31 -22.20 5.27 -22.49
N ASP C 32 -21.25 4.34 -22.58
CA ASP C 32 -20.88 3.48 -21.45
C ASP C 32 -19.50 3.84 -20.92
N ASN C 33 -19.15 5.13 -20.95
CA ASN C 33 -17.83 5.57 -20.51
C ASN C 33 -17.76 5.84 -19.01
N LEU C 34 -18.89 6.20 -18.39
CA LEU C 34 -18.91 6.54 -16.97
C LEU C 34 -19.12 5.32 -16.06
N ASN C 35 -19.10 4.10 -16.60
CA ASN C 35 -19.14 2.90 -15.77
C ASN C 35 -17.76 2.29 -15.55
N LYS C 36 -16.74 2.81 -16.23
CA LYS C 36 -15.38 2.34 -16.14
C LYS C 36 -14.68 2.94 -14.91
N PRO C 37 -13.81 2.18 -14.26
CA PRO C 37 -12.88 2.80 -13.29
C PRO C 37 -12.16 3.92 -14.00
N TRP C 38 -11.83 4.95 -13.25
CA TRP C 38 -11.44 6.13 -13.98
C TRP C 38 -9.93 6.26 -14.15
N TRP C 39 -9.13 5.65 -13.25
CA TRP C 39 -7.70 5.57 -13.54
C TRP C 39 -7.44 4.44 -14.54
N ASN C 40 -8.47 4.05 -15.26
CA ASN C 40 -8.41 2.96 -16.21
C ASN C 40 -7.29 3.19 -17.23
N PRO C 41 -6.45 2.20 -17.49
CA PRO C 41 -5.44 2.34 -18.54
C PRO C 41 -6.07 2.22 -19.90
N PRO C 42 -5.44 2.80 -20.93
CA PRO C 42 -5.89 2.55 -22.30
C PRO C 42 -5.92 1.07 -22.63
N ARG C 43 -6.82 0.71 -23.55
CA ARG C 43 -7.09 -0.69 -23.85
C ARG C 43 -5.84 -1.43 -24.31
N TRP C 44 -4.90 -0.72 -24.94
CA TRP C 44 -3.73 -1.40 -25.49
C TRP C 44 -2.76 -1.87 -24.44
N VAL C 45 -2.82 -1.31 -23.23
CA VAL C 45 -1.91 -1.73 -22.16
C VAL C 45 -2.19 -3.17 -21.76
N PHE C 46 -3.48 -3.56 -21.71
CA PHE C 46 -3.84 -4.91 -21.22
C PHE C 46 -3.16 -6.03 -22.00
N PRO C 47 -3.32 -6.14 -23.33
CA PRO C 47 -2.64 -7.25 -24.01
C PRO C 47 -1.14 -7.17 -23.93
N LEU C 48 -0.58 -5.96 -23.83
CA LEU C 48 0.86 -5.83 -23.60
C LEU C 48 1.25 -6.50 -22.29
N ALA C 49 0.52 -6.21 -21.22
CA ALA C 49 0.83 -6.77 -19.92
C ALA C 49 0.64 -8.29 -19.90
N TRP C 50 -0.53 -8.77 -20.34
CA TRP C 50 -0.84 -10.19 -20.25
C TRP C 50 0.10 -11.04 -21.10
N THR C 51 0.34 -10.62 -22.33
CA THR C 51 1.30 -11.32 -23.19
C THR C 51 2.65 -11.46 -22.51
N SER C 52 3.17 -10.37 -21.93
CA SER C 52 4.45 -10.47 -21.25
C SER C 52 4.37 -11.46 -20.11
N LEU C 53 3.23 -11.47 -19.40
CA LEU C 53 3.03 -12.37 -18.27
C LEU C 53 2.88 -13.83 -18.72
N TYR C 54 2.10 -14.08 -19.79
CA TYR C 54 2.04 -15.42 -20.36
C TYR C 54 3.43 -15.99 -20.60
N PHE C 55 4.33 -15.17 -21.16
CA PHE C 55 5.69 -15.65 -21.41
C PHE C 55 6.47 -15.83 -20.11
N LEU C 56 6.28 -14.93 -19.16
CA LEU C 56 7.03 -15.08 -17.93
C LEU C 56 6.52 -16.27 -17.14
N MET C 57 5.20 -16.47 -17.10
CA MET C 57 4.69 -17.54 -16.24
C MET C 57 4.93 -18.90 -16.86
N SER C 58 5.02 -18.95 -18.19
CA SER C 58 5.34 -20.21 -18.86
C SER C 58 6.80 -20.58 -18.66
N LEU C 59 7.70 -19.59 -18.71
CA LEU C 59 9.09 -19.86 -18.40
C LEU C 59 9.28 -20.26 -16.95
N ALA C 60 8.56 -19.60 -16.03
CA ALA C 60 8.65 -19.98 -14.62
C ALA C 60 8.17 -21.41 -14.41
N ALA C 61 6.96 -21.72 -14.90
CA ALA C 61 6.42 -23.07 -14.80
C ALA C 61 7.37 -24.10 -15.41
N MET C 62 8.03 -23.74 -16.51
CA MET C 62 8.88 -24.71 -17.19
C MET C 62 10.08 -25.09 -16.32
N ARG C 63 10.66 -24.13 -15.58
CA ARG C 63 11.76 -24.45 -14.69
C ARG C 63 11.30 -25.30 -13.51
N VAL C 64 10.10 -25.01 -12.99
CA VAL C 64 9.56 -25.78 -11.86
C VAL C 64 9.22 -27.21 -12.28
N ALA C 65 8.60 -27.37 -13.47
CA ALA C 65 8.19 -28.69 -13.92
C ALA C 65 9.38 -29.61 -14.20
N GLN C 66 10.56 -29.05 -14.48
CA GLN C 66 11.79 -29.82 -14.61
C GLN C 66 12.34 -30.37 -13.30
N LEU C 67 11.68 -30.13 -12.16
CA LEU C 67 12.25 -30.37 -10.84
C LEU C 67 11.42 -31.35 -10.02
N GLU C 68 12.10 -32.05 -9.12
CA GLU C 68 11.46 -32.99 -8.22
C GLU C 68 10.73 -32.27 -7.10
N GLY C 69 9.60 -32.84 -6.69
CA GLY C 69 8.74 -32.20 -5.71
C GLY C 69 7.86 -31.09 -6.25
N SER C 70 7.73 -30.96 -7.56
CA SER C 70 7.02 -29.82 -8.13
C SER C 70 5.51 -30.02 -8.22
N GLY C 71 4.97 -31.13 -7.74
CA GLY C 71 3.56 -31.42 -7.94
C GLY C 71 2.65 -30.35 -7.35
N GLN C 72 2.85 -30.01 -6.07
CA GLN C 72 1.99 -29.02 -5.43
C GLN C 72 2.10 -27.68 -6.12
N ALA C 73 3.29 -27.33 -6.57
CA ALA C 73 3.51 -26.05 -7.23
C ALA C 73 2.76 -25.95 -8.56
N LEU C 74 2.70 -27.04 -9.30
CA LEU C 74 2.02 -27.05 -10.58
C LEU C 74 0.52 -27.25 -10.42
N ALA C 75 0.08 -27.72 -9.24
CA ALA C 75 -1.34 -27.70 -8.94
C ALA C 75 -1.79 -26.28 -8.61
N PHE C 76 -1.01 -25.56 -7.82
CA PHE C 76 -1.27 -24.14 -7.68
C PHE C 76 -1.25 -23.47 -9.06
N TYR C 77 -0.28 -23.84 -9.90
CA TYR C 77 -0.16 -23.24 -11.23
C TYR C 77 -1.43 -23.44 -12.05
N ALA C 78 -1.94 -24.68 -12.06
CA ALA C 78 -3.20 -24.97 -12.73
C ALA C 78 -4.35 -24.13 -12.17
N ALA C 79 -4.44 -24.03 -10.83
CA ALA C 79 -5.58 -23.34 -10.22
C ALA C 79 -5.55 -21.86 -10.56
N GLN C 80 -4.36 -21.27 -10.50
CA GLN C 80 -4.17 -19.87 -10.88
C GLN C 80 -4.60 -19.64 -12.33
N LEU C 81 -4.11 -20.47 -13.26
CA LEU C 81 -4.34 -20.22 -14.67
C LEU C 81 -5.81 -20.47 -15.02
N ALA C 82 -6.48 -21.36 -14.27
CA ALA C 82 -7.89 -21.61 -14.50
C ALA C 82 -8.74 -20.42 -14.10
N PHE C 83 -8.47 -19.84 -12.91
CA PHE C 83 -9.22 -18.67 -12.48
C PHE C 83 -8.84 -17.44 -13.29
N ASN C 84 -7.61 -17.36 -13.75
CA ASN C 84 -7.26 -16.34 -14.73
C ASN C 84 -8.10 -16.46 -16.00
N THR C 85 -8.32 -17.71 -16.46
CA THR C 85 -9.04 -17.91 -17.72
C THR C 85 -10.52 -17.64 -17.55
N LEU C 86 -11.07 -17.94 -16.38
CA LEU C 86 -12.46 -17.63 -16.07
C LEU C 86 -12.69 -16.13 -15.94
N TRP C 87 -11.76 -15.42 -15.31
CA TRP C 87 -11.96 -13.99 -15.01
C TRP C 87 -12.05 -13.16 -16.28
N THR C 88 -11.08 -13.32 -17.18
CA THR C 88 -10.90 -12.50 -18.37
C THR C 88 -12.17 -12.37 -19.22
N PRO C 89 -13.05 -13.43 -19.31
CA PRO C 89 -14.34 -13.27 -20.00
C PRO C 89 -15.47 -12.74 -19.12
N VAL C 90 -15.50 -13.15 -17.86
CA VAL C 90 -16.50 -12.63 -16.94
C VAL C 90 -16.36 -11.12 -16.78
N PHE C 91 -15.11 -10.64 -16.67
CA PHE C 91 -14.87 -9.22 -16.40
C PHE C 91 -15.00 -8.38 -17.67
N PHE C 92 -14.18 -8.69 -18.70
CA PHE C 92 -14.10 -7.88 -19.91
C PHE C 92 -15.18 -8.20 -20.92
N GLY C 93 -15.97 -9.25 -20.72
CA GLY C 93 -16.86 -9.73 -21.76
C GLY C 93 -18.32 -9.73 -21.35
N MET C 94 -18.67 -10.56 -20.37
CA MET C 94 -20.00 -10.53 -19.79
C MET C 94 -20.18 -9.39 -18.79
N LYS C 95 -19.08 -8.79 -18.33
CA LYS C 95 -19.12 -7.56 -17.55
C LYS C 95 -19.93 -7.71 -16.27
N ARG C 96 -19.86 -8.88 -15.64
CA ARG C 96 -20.49 -9.09 -14.35
C ARG C 96 -19.46 -8.78 -13.27
N MET C 97 -19.52 -7.54 -12.76
CA MET C 97 -18.42 -6.94 -12.01
C MET C 97 -18.24 -7.56 -10.65
N ALA C 98 -19.33 -7.72 -9.89
CA ALA C 98 -19.16 -8.28 -8.56
C ALA C 98 -18.74 -9.75 -8.63
N THR C 99 -19.24 -10.48 -9.63
CA THR C 99 -18.77 -11.84 -9.85
C THR C 99 -17.29 -11.85 -10.23
N ALA C 100 -16.87 -10.93 -11.11
CA ALA C 100 -15.49 -10.93 -11.54
C ALA C 100 -14.54 -10.49 -10.42
N LEU C 101 -15.04 -9.73 -9.45
CA LEU C 101 -14.17 -9.40 -8.33
C LEU C 101 -13.95 -10.62 -7.44
N ALA C 102 -14.97 -11.46 -7.28
CA ALA C 102 -14.77 -12.73 -6.60
C ALA C 102 -13.70 -13.57 -7.29
N VAL C 103 -13.86 -13.77 -8.61
CA VAL C 103 -12.93 -14.61 -9.37
C VAL C 103 -11.51 -14.07 -9.24
N VAL C 104 -11.35 -12.73 -9.31
CA VAL C 104 -10.03 -12.13 -9.38
C VAL C 104 -9.31 -12.23 -8.03
N MET C 105 -10.06 -12.18 -6.91
CA MET C 105 -9.44 -12.37 -5.61
C MET C 105 -8.99 -13.81 -5.40
N VAL C 106 -9.83 -14.80 -5.78
CA VAL C 106 -9.41 -16.19 -5.75
C VAL C 106 -8.20 -16.39 -6.64
N MET C 107 -8.24 -15.85 -7.86
CA MET C 107 -7.07 -15.86 -8.73
C MET C 107 -5.86 -15.24 -8.04
N TRP C 108 -6.04 -14.13 -7.32
CA TRP C 108 -4.90 -13.48 -6.69
C TRP C 108 -4.26 -14.39 -5.65
N LEU C 109 -5.07 -15.08 -4.85
CA LEU C 109 -4.52 -15.95 -3.83
C LEU C 109 -3.77 -17.12 -4.44
N PHE C 110 -4.23 -17.62 -5.60
CA PHE C 110 -3.54 -18.74 -6.24
C PHE C 110 -2.27 -18.29 -6.94
N VAL C 111 -2.24 -17.07 -7.46
CA VAL C 111 -1.00 -16.52 -7.98
C VAL C 111 0.03 -16.43 -6.86
N ALA C 112 -0.37 -15.88 -5.71
CA ALA C 112 0.51 -15.80 -4.56
C ALA C 112 0.92 -17.18 -4.09
N ALA C 113 -0.01 -18.12 -4.08
CA ALA C 113 0.29 -19.49 -3.70
C ALA C 113 1.25 -20.15 -4.69
N THR C 114 1.05 -19.90 -5.99
CA THR C 114 2.00 -20.37 -7.00
C THR C 114 3.36 -19.71 -6.82
N MET C 115 3.39 -18.42 -6.46
CA MET C 115 4.65 -17.76 -6.22
C MET C 115 5.34 -18.37 -5.02
N TRP C 116 4.59 -18.62 -3.95
CA TRP C 116 5.17 -19.20 -2.76
C TRP C 116 5.70 -20.61 -3.02
N ALA C 117 4.94 -21.42 -3.75
CA ALA C 117 5.39 -22.76 -4.11
C ALA C 117 6.57 -22.71 -5.07
N PHE C 118 6.62 -21.72 -5.97
CA PHE C 118 7.70 -21.66 -6.94
C PHE C 118 9.01 -21.28 -6.25
N PHE C 119 8.98 -20.24 -5.40
CA PHE C 119 10.15 -19.85 -4.63
C PHE C 119 10.70 -21.03 -3.80
N GLN C 120 9.84 -21.94 -3.35
CA GLN C 120 10.34 -23.03 -2.51
C GLN C 120 11.18 -24.03 -3.29
N LEU C 121 11.06 -24.02 -4.61
CA LEU C 121 11.74 -24.96 -5.50
C LEU C 121 12.82 -24.30 -6.34
N ASP C 122 12.64 -23.04 -6.70
CA ASP C 122 13.55 -22.38 -7.62
C ASP C 122 13.33 -20.88 -7.49
N THR C 123 14.42 -20.16 -7.21
CA THR C 123 14.29 -18.74 -6.93
C THR C 123 13.95 -17.94 -8.19
N TRP C 124 14.39 -18.39 -9.37
CA TRP C 124 14.10 -17.63 -10.59
C TRP C 124 12.64 -17.76 -11.00
N ALA C 125 12.11 -18.99 -11.00
CA ALA C 125 10.67 -19.18 -11.19
C ALA C 125 9.86 -18.34 -10.20
N GLY C 126 10.39 -18.15 -8.98
CA GLY C 126 9.76 -17.26 -8.04
C GLY C 126 9.86 -15.80 -8.48
N VAL C 127 11.05 -15.37 -8.85
CA VAL C 127 11.26 -13.99 -9.30
C VAL C 127 10.36 -13.69 -10.48
N LEU C 128 10.26 -14.63 -11.44
CA LEU C 128 9.44 -14.44 -12.63
C LEU C 128 7.96 -14.26 -12.31
N PHE C 129 7.50 -14.70 -11.14
CA PHE C 129 6.09 -14.56 -10.78
C PHE C 129 5.81 -13.26 -10.03
N VAL C 130 6.84 -12.57 -9.54
CA VAL C 130 6.64 -11.27 -8.89
C VAL C 130 5.91 -10.28 -9.81
N PRO C 131 6.35 -10.05 -11.06
CA PRO C 131 5.58 -9.17 -11.95
C PRO C 131 4.13 -9.58 -12.11
N TYR C 132 3.87 -10.90 -12.18
CA TYR C 132 2.49 -11.39 -12.23
C TYR C 132 1.69 -10.94 -11.01
N LEU C 133 2.26 -11.07 -9.81
CA LEU C 133 1.46 -10.71 -8.64
C LEU C 133 1.26 -9.19 -8.55
N ILE C 134 2.18 -8.42 -9.11
CA ILE C 134 1.98 -6.98 -9.20
C ILE C 134 0.75 -6.68 -10.06
N TRP C 135 0.72 -7.24 -11.27
CA TRP C 135 -0.37 -6.97 -12.20
C TRP C 135 -1.71 -7.54 -11.68
N ALA C 136 -1.69 -8.69 -11.01
CA ALA C 136 -2.95 -9.19 -10.45
C ALA C 136 -3.48 -8.27 -9.35
N THR C 137 -2.59 -7.55 -8.66
CA THR C 137 -2.98 -6.61 -7.61
C THR C 137 -3.57 -5.34 -8.23
N ALA C 138 -2.98 -4.88 -9.34
CA ALA C 138 -3.49 -3.71 -10.05
C ALA C 138 -4.86 -4.00 -10.63
N THR C 139 -5.04 -5.23 -11.14
CA THR C 139 -6.28 -5.71 -11.74
C THR C 139 -7.37 -5.89 -10.70
N THR C 140 -7.01 -6.48 -9.55
CA THR C 140 -7.93 -6.49 -8.42
C THR C 140 -8.35 -5.06 -8.07
N GLY C 141 -7.41 -4.11 -8.17
CA GLY C 141 -7.75 -2.72 -7.88
C GLY C 141 -8.78 -2.17 -8.85
N LEU C 142 -8.55 -2.36 -10.15
CA LEU C 142 -9.52 -1.90 -11.14
C LEU C 142 -10.88 -2.57 -10.96
N ASN C 143 -10.90 -3.90 -10.81
CA ASN C 143 -12.15 -4.66 -10.72
C ASN C 143 -12.98 -4.24 -9.52
N PHE C 144 -12.33 -3.92 -8.39
CA PHE C 144 -13.06 -3.41 -7.24
C PHE C 144 -13.72 -2.07 -7.54
N GLU C 145 -13.02 -1.20 -8.27
CA GLU C 145 -13.55 0.10 -8.63
C GLU C 145 -14.64 -0.01 -9.68
N ALA C 146 -14.53 -0.99 -10.58
CA ALA C 146 -15.60 -1.19 -11.55
C ALA C 146 -16.84 -1.71 -10.84
N MET C 147 -16.64 -2.60 -9.87
CA MET C 147 -17.77 -3.15 -9.13
C MET C 147 -18.53 -2.04 -8.43
N ARG C 148 -17.84 -1.15 -7.76
CA ARG C 148 -18.56 -0.19 -6.97
C ARG C 148 -19.15 0.93 -7.83
N LEU C 149 -18.98 0.87 -9.16
CA LEU C 149 -19.77 1.62 -10.15
C LEU C 149 -20.88 0.80 -10.78
N ASN C 150 -21.49 -0.13 -10.03
CA ASN C 150 -22.65 -0.87 -10.50
C ASN C 150 -23.30 -1.56 -9.32
C18 OLC D . 8.40 2.50 -11.48
C10 OLC D . 9.85 -6.07 -12.27
C9 OLC D . 10.88 -6.48 -11.49
C17 OLC D . 8.13 1.04 -11.81
C11 OLC D . 8.50 -5.84 -11.66
C8 OLC D . 10.81 -7.80 -10.75
C24 OLC D . 15.48 -15.34 -2.34
C16 OLC D . 9.44 0.30 -12.04
C12 OLC D . 8.01 -4.48 -12.10
C7 OLC D . 11.67 -7.73 -9.49
C15 OLC D . 9.49 -1.00 -11.26
C13 OLC D . 8.90 -3.42 -11.44
C6 OLC D . 11.55 -9.06 -8.76
C14 OLC D . 8.61 -2.02 -11.95
C5 OLC D . 11.99 -8.90 -7.32
C4 OLC D . 12.24 -10.28 -6.71
C3 OLC D . 13.13 -10.13 -5.50
C2 OLC D . 12.47 -10.71 -4.26
C21 OLC D . 15.04 -12.87 -2.51
C1 OLC D . 13.30 -11.91 -3.81
C22 OLC D . 14.44 -14.23 -2.22
O19 OLC D . 13.59 -12.71 -4.68
O25 OLC D . 16.73 -14.91 -1.80
O23 OLC D . 13.88 -14.19 -0.93
O20 OLC D . 14.05 -11.87 -2.61
C18 OLC E . 6.51 19.02 11.96
C10 OLC E . 13.85 15.02 9.81
C9 OLC E . 14.47 14.53 10.93
C17 OLC E . 7.04 17.63 11.73
C11 OLC E . 12.88 16.17 9.87
C8 OLC E . 15.63 13.55 10.80
C24 OLC E . 23.47 5.51 13.54
C16 OLC E . 6.98 17.35 10.24
C12 OLC E . 11.70 15.86 10.78
C7 OLC E . 16.08 13.02 12.14
C15 OLC E . 8.36 17.12 9.64
C13 OLC E . 10.42 15.73 9.97
C6 OLC E . 16.93 11.78 11.92
C14 OLC E . 9.30 16.48 10.67
C5 OLC E . 17.73 11.50 13.17
C4 OLC E . 18.46 10.18 13.05
C3 OLC E . 19.40 10.16 11.86
C2 OLC E . 20.79 9.82 12.37
C21 OLC E . 22.77 6.74 11.51
C1 OLC E . 21.33 8.56 11.71
C22 OLC E . 23.92 6.04 12.18
O19 OLC E . 21.05 8.29 10.55
O25 OLC E . 24.46 5.70 14.52
O23 OLC E . 24.35 4.99 11.33
O20 OLC E . 22.36 7.82 12.31
C18 OLC F . -2.37 -1.82 -3.89
C10 OLC F . -2.78 -8.34 1.60
C9 OLC F . -2.14 -9.16 2.49
C17 OLC F . -1.07 -2.39 -3.32
C11 OLC F . -2.14 -7.98 0.27
C8 OLC F . -2.30 -8.84 3.97
C24 OLC F . 3.38 -14.17 14.20
C16 OLC F . -1.21 -2.58 -1.83
C12 OLC F . -2.66 -6.67 -0.28
C7 OLC F . -2.03 -10.07 4.84
C15 OLC F . -1.53 -4.04 -1.55
C13 OLC F . -2.08 -5.46 0.43
C6 OLC F . -1.62 -9.70 6.26
C14 OLC F . -2.39 -4.17 -0.31
C5 OLC F . -0.29 -10.38 6.54
C4 OLC F . 0.16 -10.25 7.98
C3 OLC F . 0.76 -11.57 8.41
C2 OLC F . 1.17 -11.54 9.89
C21 OLC F . 3.44 -13.95 11.73
C1 OLC F . 1.95 -12.78 10.28
C22 OLC F . 4.21 -13.70 13.02
O19 OLC F . 2.38 -13.49 9.39
O25 OLC F . 2.29 -13.30 14.44
O23 OLC F . 5.47 -14.34 13.00
O20 OLC F . 2.42 -12.97 11.59
C18 OLC G . 18.05 1.67 -12.14
C10 OLC G . 14.37 -3.61 -11.21
C9 OLC G . 14.52 -4.56 -10.27
C17 OLC G . 18.27 0.17 -12.20
C11 OLC G . 13.00 -3.18 -11.71
C8 OLC G . 15.90 -5.08 -9.92
C24 OLC G . 18.62 -15.73 -5.47
C16 OLC G . 17.35 -0.55 -11.24
C12 OLC G . 13.09 -2.05 -12.71
C7 OLC G . 15.82 -6.52 -9.50
C15 OLC G . 15.95 0.03 -11.33
C13 OLC G . 13.71 -0.83 -12.05
C6 OLC G . 15.26 -7.40 -10.61
C14 OLC G . 15.16 -0.63 -12.45
C5 OLC G . 15.65 -8.87 -10.41
C4 OLC G . 15.40 -9.35 -8.99
C3 OLC G . 16.69 -9.58 -8.20
C2 OLC G . 16.97 -11.06 -8.07
C21 OLC G . 18.16 -13.47 -6.30
C1 OLC G . 16.87 -11.52 -6.63
C22 OLC G . 18.32 -14.31 -5.06
O19 OLC G . 17.21 -10.74 -5.76
O25 OLC G . 19.77 -15.79 -6.30
O23 OLC G . 19.37 -13.78 -4.27
O20 OLC G . 16.87 -12.90 -6.32
C10 OLC H . 16.37 17.69 -0.26
C9 OLC H . 15.62 16.70 -0.81
C8 OLC H . 14.72 17.02 -1.98
C24 OLC H . 13.24 18.00 -14.61
C7 OLC H . 15.43 16.70 -3.28
C6 OLC H . 14.40 16.09 -4.20
C5 OLC H . 14.92 16.04 -5.61
C4 OLC H . 14.29 17.17 -6.38
C3 OLC H . 14.60 17.01 -7.85
C2 OLC H . 13.43 17.53 -8.68
C21 OLC H . 13.07 16.89 -12.41
C1 OLC H . 13.70 17.12 -10.11
C22 OLC H . 13.31 18.21 -13.11
O19 OLC H . 14.81 16.71 -10.39
O25 OLC H . 13.79 19.09 -15.32
O23 OLC H . 12.34 19.15 -12.69
O20 OLC H . 12.67 17.11 -11.07
C FMT I . 7.66 -17.53 5.78
O1 FMT I . 7.14 -17.68 4.66
O2 FMT I . 7.28 -16.73 6.67
C FMT J . 8.62 -19.24 0.25
O1 FMT J . 9.70 -19.45 0.84
O2 FMT J . 8.49 -18.69 -0.86
CHA PP9 K . -0.51 8.46 -6.27
CHB PP9 K . -3.45 8.67 -9.81
CHC PP9 K . -6.09 4.93 -7.81
CHD PP9 K . -1.94 3.66 -6.00
NA PP9 K . -2.07 8.38 -7.97
C1A PP9 K . -1.07 9.02 -7.34
C2A PP9 K . -0.78 10.26 -8.01
C3A PP9 K . -1.61 10.34 -9.06
C4A PP9 K . -2.47 9.16 -9.00
CMA PP9 K . -1.76 11.50 -10.07
CAA PP9 K . 0.33 11.23 -7.54
CBA PP9 K . 1.63 10.90 -8.30
CGA PP9 K . 2.56 9.82 -7.76
O1A PP9 K . 3.79 10.07 -7.91
O2A PP9 K . 2.18 8.71 -7.23
NB PP9 K . -4.33 6.47 -8.74
C1B PP9 K . -4.34 7.74 -9.32
C2B PP9 K . -5.65 8.17 -9.27
C3B PP9 K . -6.47 7.26 -8.76
C4B PP9 K . -5.65 6.12 -8.38
CMB PP9 K . -5.81 9.57 -9.80
CAB PP9 K . -7.99 7.45 -8.58
CBB PP9 K . -8.76 6.58 -7.92
NC PP9 K . -3.93 4.48 -6.92
C1C PP9 K . -5.19 4.06 -7.23
C2C PP9 K . -5.29 2.68 -6.79
C3C PP9 K . -4.10 2.29 -6.26
C4C PP9 K . -3.24 3.46 -6.32
CMC PP9 K . -6.53 1.79 -6.89
CAC PP9 K . -3.72 0.90 -5.68
CBC PP9 K . -4.17 -0.26 -6.18
ND PP9 K . -1.30 6.06 -6.67
C1D PP9 K . -1.49 4.96 -5.85
C2D PP9 K . -1.20 5.39 -4.54
C3D PP9 K . -0.78 6.82 -4.55
C4D PP9 K . -0.86 7.18 -5.92
CMD PP9 K . -1.29 4.46 -3.38
CAD PP9 K . -0.30 7.70 -3.42
CBD PP9 K . 1.20 7.52 -3.52
CGD PP9 K . 1.47 6.49 -2.48
O1D PP9 K . 1.82 5.31 -2.79
O2D PP9 K . 1.25 6.91 -1.32
C18 OLC L . -0.48 10.00 30.66
C10 OLC L . -6.67 12.68 29.11
C9 OLC L . -6.97 13.72 29.93
C17 OLC L . -0.61 10.34 29.18
C11 OLC L . -7.44 11.37 29.17
C8 OLC L . -7.58 13.50 31.29
C24 OLC L . -7.06 22.22 29.04
C16 OLC L . -1.77 11.30 28.97
C12 OLC L . -6.56 10.17 28.93
C7 OLC L . -6.56 12.88 32.23
C15 OLC L . -2.85 10.64 28.13
C13 OLC L . -5.35 10.56 28.11
C6 OLC L . -6.29 13.84 33.37
C14 OLC L . -4.10 10.45 28.96
C5 OLC L . -5.39 14.95 32.89
C4 OLC L . -5.04 15.85 34.06
C3 OLC L . -4.35 17.11 33.58
C2 OLC L . -5.33 18.27 33.57
C21 OLC L . -6.03 20.46 30.53
C1 OLC L . -5.24 18.95 32.23
C22 OLC L . -6.82 21.76 30.47
O19 OLC L . -4.23 18.79 31.56
O25 OLC L . -8.15 23.14 29.05
O23 OLC L . -8.08 21.59 31.07
O20 OLC L . -6.29 19.78 31.76
C18 OLC M . -11.45 -6.30 21.91
C10 OLC M . -3.13 -9.64 22.19
C9 OLC M . -2.43 -10.20 23.19
C17 OLC M . -10.11 -7.01 22.09
C11 OLC M . -3.90 -8.35 22.38
C8 OLC M . -2.00 -9.37 24.39
C24 OLC M . 6.54 -11.22 29.76
C16 OLC M . -9.48 -6.56 23.40
C12 OLC M . -5.27 -8.49 21.76
C7 OLC M . -0.81 -10.03 25.06
C15 OLC M . -8.33 -7.48 23.80
C13 OLC M . -6.31 -8.56 22.87
C6 OLC M . 0.46 -9.43 24.52
C14 OLC M . -7.19 -7.32 22.83
C5 OLC M . 1.64 -10.28 25.00
C4 OLC M . 1.45 -11.73 24.62
C3 OLC M . 2.40 -12.64 25.37
C2 OLC M . 3.68 -11.90 25.70
C21 OLC M . 5.13 -10.70 27.77
C1 OLC M . 4.62 -12.70 26.59
C22 OLC M . 6.17 -10.16 28.72
O19 OLC M . 5.34 -13.54 26.08
O25 OLC M . 5.47 -12.09 30.08
O23 OLC M . 7.30 -9.70 27.98
O20 OLC M . 5.05 -12.11 27.80
C18 OLC N . 6.56 15.41 16.65
C10 OLC N . 15.73 15.64 15.26
C9 OLC N . 16.62 16.33 14.50
C17 OLC N . 7.37 14.88 15.48
C11 OLC N . 14.43 15.12 14.68
C8 OLC N . 18.04 16.57 14.96
C24 OLC N . 24.02 5.62 17.72
C16 OLC N . 8.58 15.76 15.22
C12 OLC N . 13.39 14.94 15.77
C7 OLC N . 18.97 15.47 14.46
C15 OLC N . 9.77 15.32 16.05
C13 OLC N . 12.03 14.69 15.17
C6 OLC N . 19.90 15.04 15.56
C14 OLC N . 11.07 15.84 15.45
C5 OLC N . 20.09 13.54 15.53
C4 OLC N . 21.21 13.14 16.48
C3 OLC N . 21.86 11.84 16.05
C2 OLC N . 22.27 11.07 17.28
C21 OLC N . 24.43 8.09 17.66
C1 OLC N . 23.51 10.19 17.07
C22 OLC N . 23.43 7.00 18.02
O19 OLC N . 24.03 10.10 15.97
O25 OLC N . 23.71 4.66 18.72
O23 OLC N . 23.05 7.13 19.38
O20 OLC N . 23.92 9.32 18.10
C8 OLC O . -5.77 17.15 39.76
C24 OLC O . -9.09 26.98 31.15
C7 OLC O . -6.07 18.63 39.60
C6 OLC O . -6.25 18.99 38.14
C5 OLC O . -6.19 20.49 37.95
C4 OLC O . -7.03 20.90 36.74
C3 OLC O . -6.94 22.38 36.40
C2 OLC O . -7.85 22.68 35.21
C21 OLC O . -8.08 25.91 33.18
C1 OLC O . -7.67 24.10 34.69
C22 OLC O . -7.97 26.10 31.66
O19 OLC O . -6.83 24.82 35.20
O25 OLC O . -8.54 27.89 30.22
O23 OLC O . -6.75 26.73 31.31
O20 OLC O . -8.37 24.56 33.55
C24 OLC P . 14.59 1.04 31.62
C5 OLC P . 7.78 7.25 29.93
C4 OLC P . 8.17 6.02 30.74
C3 OLC P . 9.50 5.49 30.26
C2 OLC P . 9.52 3.97 30.34
C21 OLC P . 12.66 2.37 30.74
C1 OLC P . 10.78 3.39 29.71
C22 OLC P . 13.12 1.03 31.29
O19 OLC P . 11.48 4.07 28.98
O25 OLC P . 14.92 -0.22 32.16
O23 OLC P . 12.39 0.71 32.46
O20 OLC P . 11.34 2.22 30.25
C18 OLC Q . -9.16 -8.03 7.62
C10 OLC Q . -15.60 -2.65 7.81
C9 OLC Q . -16.63 -2.02 8.43
C17 OLC Q . -8.97 -7.13 8.82
C11 OLC Q . -14.78 -3.68 8.57
C8 OLC Q . -17.45 -0.99 7.67
C24 OLC Q . -27.57 2.85 13.40
C16 OLC Q . -10.25 -7.00 9.63
C12 OLC Q . -13.51 -4.01 7.82
C7 OLC Q . -18.72 -0.64 8.44
C15 OLC Q . -10.63 -5.54 9.75
C13 OLC Q . -12.33 -3.99 8.79
C6 OLC Q . -19.52 -1.88 8.85
C14 OLC Q . -11.33 -5.08 8.48
C5 OLC Q . -20.25 -1.66 10.18
C4 OLC Q . -21.11 -0.40 10.12
C3 OLC Q . -21.75 -0.08 11.46
C2 OLC Q . -22.32 1.34 11.46
C21 OLC Q . -25.85 1.10 12.76
C1 OLC Q . -23.86 1.33 11.44
C22 OLC Q . -26.94 2.05 12.28
O19 OLC Q . -24.43 1.50 10.39
O25 OLC Q . -28.84 3.32 12.99
O23 OLC Q . -26.37 2.93 11.35
O20 OLC Q . -24.56 1.67 12.61
C18 OLC R . -16.20 -28.66 -6.64
C10 OLC R . -9.35 -25.04 -1.66
C9 OLC R . -8.64 -25.95 -0.94
C17 OLC R . -14.93 -27.85 -6.50
C11 OLC R . -10.78 -25.35 -2.09
C8 OLC R . -7.22 -25.65 -0.50
C24 OLC R . 4.39 -27.44 0.23
C16 OLC R . -14.78 -27.32 -5.07
C12 OLC R . -11.18 -26.77 -1.68
C7 OLC R . -6.29 -25.79 -1.69
C15 OLC R . -13.35 -27.53 -4.63
C13 OLC R . -11.70 -27.61 -2.84
C6 OLC R . -4.86 -25.63 -1.21
C14 OLC R . -13.16 -27.34 -3.13
C5 OLC R . -4.54 -26.63 -0.14
C4 OLC R . -3.04 -26.86 -0.11
C3 OLC R . -2.40 -26.21 1.10
C2 OLC R . -1.34 -27.11 1.69
C21 OLC R . 2.26 -26.93 1.34
C1 OLC R . -0.05 -27.07 0.89
C22 OLC R . 3.54 -27.75 1.44
O19 OLC R . 0.12 -26.13 0.14
O25 OLC R . 4.19 -28.44 -0.76
O20 OLC R . 1.10 -27.74 1.36
C18 OLC S . -5.90 -5.70 -3.63
C10 OLC S . -5.07 -12.21 1.48
C9 OLC S . -3.84 -12.71 1.70
C17 OLC S . -5.31 -6.91 -2.95
C11 OLC S . -5.27 -11.14 0.40
C8 OLC S . -3.61 -13.95 2.55
C24 OLC S . 3.83 -19.02 6.06
C16 OLC S . -6.02 -8.18 -3.42
C12 OLC S . -6.69 -11.03 -0.15
C7 OLC S . -2.22 -14.48 2.26
C15 OLC S . -5.83 -9.30 -2.42
C13 OLC S . -6.79 -11.50 -1.59
C6 OLC S . -2.25 -15.15 0.91
C14 OLC S . -6.90 -10.37 -2.59
C5 OLC S . -0.87 -15.58 0.46
C4 OLC S . -0.88 -16.99 -0.07
C3 OLC S . 0.46 -17.63 0.25
C2 OLC S . 0.75 -17.45 1.74
C21 OLC S . 3.05 -19.64 3.75
C1 OLC S . 1.94 -18.28 2.14
C22 OLC S . 4.25 -19.44 4.67
O19 OLC S . 2.61 -18.77 1.25
O25 OLC S . 4.69 -19.62 7.02
O23 OLC S . 4.99 -20.64 4.78
O20 OLC S . 2.39 -18.41 3.48
C18 OLC T . 9.00 -4.86 -23.09
C10 OLC T . 2.40 -0.70 -19.03
C9 OLC T . 2.60 -0.05 -20.21
C17 OLC T . 7.90 -4.06 -22.43
C11 OLC T . 2.44 -2.22 -18.98
C8 OLC T . 2.78 1.46 -20.26
C24 OLC T . -2.84 6.98 -24.51
C16 OLC T . 7.31 -4.87 -21.29
C12 OLC T . 3.87 -2.70 -19.03
C7 OLC T . 4.01 1.86 -19.48
C15 OLC T . 6.53 -3.96 -20.35
C13 OLC T . 4.06 -3.78 -20.08
C6 OLC T . 4.46 3.30 -19.77
C14 OLC T . 5.29 -4.63 -19.81
C5 OLC T . 3.49 4.02 -20.68
C4 OLC T . 3.82 5.49 -20.77
C3 OLC T . 2.56 6.30 -21.05
C2 OLC T . 2.83 7.34 -22.12
C21 OLC T . -0.59 7.39 -23.56
C1 OLC T . 1.54 7.84 -22.72
C22 OLC T . -1.37 6.58 -24.57
O19 OLC T . 1.23 9.02 -22.66
O25 OLC T . -3.67 5.99 -25.09
O23 OLC T . -0.82 6.84 -25.85
O20 OLC T . 0.75 7.00 -23.54
C18 OLC U . -17.08 -16.99 -7.25
C10 OLC U . -11.94 -22.66 -4.77
C9 OLC U . -10.72 -22.46 -4.23
C17 OLC U . -15.60 -17.11 -7.00
C11 OLC U . -13.10 -21.78 -4.40
C8 OLC U . -10.43 -21.56 -3.03
C24 OLC U . -0.18 -22.59 3.76
C16 OLC U . -15.22 -18.57 -6.92
C12 OLC U . -14.31 -22.27 -5.16
C7 OLC U . -9.00 -21.81 -2.58
C15 OLC U . -15.97 -19.19 -5.77
C13 OLC U . -14.68 -21.27 -6.23
C6 OLC U . -8.37 -20.53 -2.10
C14 OLC U . -16.06 -20.70 -5.95
C5 OLC U . -6.93 -20.40 -2.57
C4 OLC U . -6.00 -20.83 -1.46
C3 OLC U . -4.56 -20.53 -1.82
C2 OLC U . -3.79 -20.18 -0.56
C21 OLC U . -1.69 -22.07 1.82
C1 OLC U . -3.05 -21.40 -0.05
C22 OLC U . -0.29 -21.91 2.40
O19 OLC U . -3.55 -22.49 -0.20
O25 OLC U . 1.07 -23.25 3.86
O23 OLC U . 0.64 -22.52 1.53
O20 OLC U . -1.84 -21.25 0.68
#